data_1A4H
#
_entry.id   1A4H
#
_cell.length_a   74.120
_cell.length_b   74.120
_cell.length_c   111.350
_cell.angle_alpha   90.00
_cell.angle_beta   90.00
_cell.angle_gamma   90.00
#
_symmetry.space_group_name_H-M   'P 43 2 2'
#
loop_
_entity.id
_entity.type
_entity.pdbx_description
1 polymer 'HEAT SHOCK PROTEIN 90'
2 non-polymer GELDANAMYCIN
3 water water
#
_entity_poly.entity_id   1
_entity_poly.type   'polypeptide(L)'
_entity_poly.pdbx_seq_one_letter_code
;MRGSHHHHHHMASETFEFQAEITQLMSLIINTVYSNKEIFLRELISNASDALDKIRYKSLSDPKQLETEPDLFIRITPKP
EQKVLEIRDSGIGMTKAELINNLGTIAKSGTKAFMEALSAGADVSMIGQFGVGFYSLFLVADRVQVISKSNDDEQYIWES
NAGGSFTVTLDEVNERIGRGTILRLFLKDDQLEYLEEKRIKEVIKRHSEFVAYPIQLVVTKEVEKEVPIP
;
_entity_poly.pdbx_strand_id   A
#
loop_
_chem_comp.id
_chem_comp.type
_chem_comp.name
_chem_comp.formula
GDM non-polymer GELDANAMYCIN 'C29 H40 N2 O9'
#
# COMPACT_ATOMS: atom_id res chain seq x y z
N MET A 11 21.43 5.33 6.73
CA MET A 11 21.25 5.19 8.20
C MET A 11 20.64 6.46 8.80
N ALA A 12 19.80 6.30 9.82
CA ALA A 12 19.16 7.44 10.48
C ALA A 12 17.98 7.97 9.67
N SER A 13 16.84 8.04 10.33
CA SER A 13 15.60 8.50 9.70
C SER A 13 15.37 10.00 9.76
N GLU A 14 14.43 10.45 8.94
CA GLU A 14 14.05 11.85 8.89
C GLU A 14 12.56 11.87 9.21
N THR A 15 12.12 12.79 10.05
CA THR A 15 10.71 12.84 10.39
C THR A 15 9.99 13.97 9.68
N PHE A 16 8.75 13.69 9.29
CA PHE A 16 7.93 14.66 8.60
C PHE A 16 6.55 14.67 9.23
N GLU A 17 5.93 15.84 9.24
CA GLU A 17 4.60 15.96 9.80
C GLU A 17 3.60 15.69 8.66
N PHE A 18 2.44 15.16 9.02
CA PHE A 18 1.40 14.85 8.06
C PHE A 18 0.55 16.10 7.86
N GLN A 19 0.03 16.31 6.66
CA GLN A 19 -0.84 17.47 6.47
C GLN A 19 -1.98 17.22 7.47
N ALA A 20 -2.40 18.27 8.16
CA ALA A 20 -3.44 18.16 9.19
C ALA A 20 -4.70 17.38 8.84
N GLU A 21 -5.19 17.51 7.61
CA GLU A 21 -6.39 16.80 7.23
C GLU A 21 -6.11 15.32 7.05
N ILE A 22 -4.89 15.01 6.61
CA ILE A 22 -4.51 13.62 6.39
C ILE A 22 -4.38 12.84 7.70
N THR A 23 -3.90 13.48 8.76
CA THR A 23 -3.79 12.78 10.03
C THR A 23 -5.18 12.64 10.63
N GLN A 24 -6.12 13.41 10.07
CA GLN A 24 -7.52 13.40 10.49
C GLN A 24 -8.17 12.15 9.92
N LEU A 25 -7.94 11.94 8.62
CA LEU A 25 -8.46 10.77 7.89
C LEU A 25 -8.01 9.48 8.57
N MET A 26 -6.72 9.40 8.89
CA MET A 26 -6.18 8.21 9.54
C MET A 26 -6.87 7.93 10.87
N SER A 27 -7.05 8.95 11.68
CA SER A 27 -7.72 8.77 12.96
C SER A 27 -9.11 8.22 12.67
N LEU A 28 -9.80 8.86 11.73
CA LEU A 28 -11.14 8.47 11.32
C LEU A 28 -11.19 7.00 10.89
N ILE A 29 -10.23 6.59 10.06
CA ILE A 29 -10.19 5.23 9.55
C ILE A 29 -9.79 4.19 10.60
N ILE A 30 -8.73 4.47 11.36
CA ILE A 30 -8.27 3.53 12.37
C ILE A 30 -9.33 3.30 13.45
N ASN A 31 -10.06 4.34 13.80
CA ASN A 31 -11.12 4.25 14.80
C ASN A 31 -12.46 4.25 14.07
N THR A 32 -12.65 3.31 13.15
CA THR A 32 -13.89 3.23 12.39
C THR A 32 -14.46 1.82 12.43
N VAL A 33 -15.44 1.60 13.30
CA VAL A 33 -16.08 0.30 13.46
C VAL A 33 -16.64 -0.31 12.17
N TYR A 34 -16.42 0.37 11.04
CA TYR A 34 -16.88 -0.11 9.73
C TYR A 34 -16.82 -1.65 9.66
N SER A 35 -17.71 -2.27 8.90
CA SER A 35 -17.75 -3.72 8.80
C SER A 35 -17.16 -4.34 7.54
N ASN A 36 -17.07 -3.56 6.47
CA ASN A 36 -16.52 -4.06 5.21
C ASN A 36 -15.03 -3.72 5.08
N LYS A 37 -14.22 -4.14 6.05
CA LYS A 37 -12.78 -3.86 6.06
C LYS A 37 -11.96 -4.51 4.98
N GLU A 38 -12.51 -5.56 4.37
CA GLU A 38 -11.80 -6.29 3.34
C GLU A 38 -11.50 -5.45 2.09
N ILE A 39 -12.13 -4.28 1.97
CA ILE A 39 -11.92 -3.42 0.80
C ILE A 39 -10.51 -2.88 0.69
N PHE A 40 -9.73 -2.98 1.76
CA PHE A 40 -8.35 -2.50 1.76
C PHE A 40 -7.47 -3.22 0.74
N LEU A 41 -7.74 -4.50 0.50
CA LEU A 41 -6.98 -5.29 -0.46
C LEU A 41 -7.30 -4.77 -1.85
N ARG A 42 -8.57 -4.46 -2.08
CA ARG A 42 -9.01 -3.95 -3.37
C ARG A 42 -8.22 -2.71 -3.72
N GLU A 43 -8.15 -1.79 -2.77
CA GLU A 43 -7.46 -0.52 -2.96
C GLU A 43 -5.96 -0.68 -3.16
N LEU A 44 -5.31 -1.55 -2.38
CA LEU A 44 -3.87 -1.76 -2.51
C LEU A 44 -3.51 -2.47 -3.81
N ILE A 45 -4.32 -3.44 -4.21
CA ILE A 45 -4.07 -4.16 -5.44
C ILE A 45 -4.30 -3.18 -6.59
N SER A 46 -5.28 -2.31 -6.41
CA SER A 46 -5.62 -1.32 -7.42
C SER A 46 -4.46 -0.34 -7.61
N ASN A 47 -3.83 0.04 -6.52
CA ASN A 47 -2.70 0.96 -6.58
C ASN A 47 -1.52 0.24 -7.26
N ALA A 48 -1.35 -1.03 -6.92
CA ALA A 48 -0.28 -1.83 -7.50
C ALA A 48 -0.42 -1.86 -9.02
N SER A 49 -1.62 -2.17 -9.47
CA SER A 49 -1.88 -2.24 -10.90
C SER A 49 -1.66 -0.89 -11.58
N ASP A 50 -1.86 0.20 -10.84
CA ASP A 50 -1.69 1.52 -11.42
C ASP A 50 -0.22 1.87 -11.58
N ALA A 51 0.61 1.41 -10.65
CA ALA A 51 2.04 1.66 -10.72
C ALA A 51 2.69 0.79 -11.79
N LEU A 52 2.03 -0.33 -12.12
CA LEU A 52 2.54 -1.23 -13.13
C LEU A 52 2.19 -0.64 -14.51
N ASP A 53 1.05 0.04 -14.59
CA ASP A 53 0.60 0.69 -15.83
C ASP A 53 1.57 1.78 -16.19
N LYS A 54 1.93 2.59 -15.20
CA LYS A 54 2.87 3.69 -15.40
C LYS A 54 4.19 3.24 -15.99
N ILE A 55 4.88 2.31 -15.33
CA ILE A 55 6.16 1.82 -15.82
C ILE A 55 6.03 1.20 -17.22
N ARG A 56 4.90 0.56 -17.48
CA ARG A 56 4.67 -0.06 -18.79
C ARG A 56 4.50 1.05 -19.82
N TYR A 57 3.56 1.95 -19.57
CA TYR A 57 3.31 3.06 -20.48
C TYR A 57 4.59 3.82 -20.69
N LYS A 58 5.18 4.25 -19.58
CA LYS A 58 6.43 5.00 -19.60
C LYS A 58 7.51 4.28 -20.38
N SER A 59 7.54 2.96 -20.28
CA SER A 59 8.53 2.17 -20.99
C SER A 59 8.28 2.09 -22.51
N LEU A 60 7.14 2.60 -22.96
CA LEU A 60 6.82 2.57 -24.39
C LEU A 60 7.86 3.34 -25.21
N SER A 61 8.45 4.38 -24.60
CA SER A 61 9.44 5.19 -25.28
C SER A 61 10.77 5.12 -24.57
N ASP A 62 10.83 4.29 -23.53
CA ASP A 62 12.03 4.12 -22.73
C ASP A 62 12.10 2.67 -22.26
N PRO A 63 12.26 1.73 -23.20
CA PRO A 63 12.33 0.29 -22.90
C PRO A 63 13.27 -0.13 -21.78
N LYS A 64 14.47 0.43 -21.75
CA LYS A 64 15.45 0.08 -20.74
C LYS A 64 14.93 0.16 -19.31
N GLN A 65 13.87 0.95 -19.13
CA GLN A 65 13.27 1.14 -17.81
C GLN A 65 12.78 -0.16 -17.20
N LEU A 66 12.51 -1.14 -18.06
CA LEU A 66 12.00 -2.44 -17.65
C LEU A 66 13.09 -3.40 -17.17
N GLU A 67 14.29 -3.22 -17.71
CA GLU A 67 15.44 -4.06 -17.39
C GLU A 67 15.68 -4.29 -15.91
N THR A 68 15.35 -3.30 -15.09
CA THR A 68 15.54 -3.42 -13.64
C THR A 68 14.67 -4.53 -13.03
N GLU A 69 13.70 -5.02 -13.80
CA GLU A 69 12.79 -6.05 -13.33
C GLU A 69 11.83 -6.30 -14.47
N PRO A 70 12.20 -7.19 -15.41
CA PRO A 70 11.38 -7.53 -16.58
C PRO A 70 10.01 -8.12 -16.31
N ASP A 71 9.79 -8.62 -15.09
CA ASP A 71 8.50 -9.22 -14.75
C ASP A 71 7.50 -8.30 -14.09
N LEU A 72 6.37 -8.10 -14.76
CA LEU A 72 5.31 -7.28 -14.22
C LEU A 72 4.36 -8.21 -13.48
N PHE A 73 4.15 -7.94 -12.20
CA PHE A 73 3.30 -8.78 -11.38
C PHE A 73 2.88 -8.08 -10.08
N ILE A 74 1.99 -8.74 -9.33
CA ILE A 74 1.50 -8.26 -8.03
C ILE A 74 1.64 -9.51 -7.17
N ARG A 75 2.15 -9.35 -5.95
CA ARG A 75 2.38 -10.49 -5.07
C ARG A 75 2.01 -10.24 -3.62
N ILE A 76 1.21 -11.13 -3.04
CA ILE A 76 0.80 -11.00 -1.65
C ILE A 76 1.52 -12.09 -0.85
N THR A 77 2.17 -11.69 0.23
CA THR A 77 2.93 -12.61 1.08
C THR A 77 2.59 -12.44 2.56
N PRO A 78 1.76 -13.34 3.11
CA PRO A 78 1.45 -13.19 4.53
C PRO A 78 2.62 -13.73 5.35
N LYS A 79 2.94 -13.07 6.46
CA LYS A 79 4.02 -13.50 7.34
C LYS A 79 3.42 -13.63 8.74
N PRO A 80 2.72 -14.75 8.99
CA PRO A 80 2.03 -15.11 10.24
C PRO A 80 2.76 -14.82 11.55
N GLU A 81 3.99 -15.30 11.67
CA GLU A 81 4.78 -15.11 12.87
C GLU A 81 4.93 -13.64 13.26
N GLN A 82 4.99 -12.78 12.25
CA GLN A 82 5.13 -11.34 12.47
C GLN A 82 3.77 -10.65 12.32
N LYS A 83 2.73 -11.43 12.07
CA LYS A 83 1.37 -10.90 11.88
C LYS A 83 1.45 -9.81 10.84
N VAL A 84 2.17 -10.09 9.75
CA VAL A 84 2.34 -9.13 8.68
C VAL A 84 1.79 -9.68 7.37
N LEU A 85 1.33 -8.77 6.51
CA LEU A 85 0.83 -9.13 5.19
C LEU A 85 1.46 -8.10 4.27
N GLU A 86 2.09 -8.57 3.20
CA GLU A 86 2.73 -7.68 2.26
C GLU A 86 2.10 -7.75 0.89
N ILE A 87 1.88 -6.58 0.28
CA ILE A 87 1.33 -6.52 -1.05
C ILE A 87 2.48 -5.88 -1.82
N ARG A 88 3.00 -6.60 -2.79
CA ARG A 88 4.12 -6.10 -3.57
C ARG A 88 3.77 -5.99 -5.04
N ASP A 89 4.48 -5.12 -5.75
CA ASP A 89 4.27 -4.92 -7.18
C ASP A 89 5.59 -4.49 -7.81
N SER A 90 5.80 -4.80 -9.09
CA SER A 90 7.03 -4.38 -9.76
C SER A 90 6.69 -3.17 -10.63
N GLY A 91 5.95 -2.23 -10.04
CA GLY A 91 5.54 -1.03 -10.72
C GLY A 91 6.65 -0.01 -10.80
N ILE A 92 6.29 1.24 -11.12
CA ILE A 92 7.23 2.34 -11.26
C ILE A 92 7.99 2.71 -9.98
N GLY A 93 7.44 2.37 -8.83
CA GLY A 93 8.10 2.70 -7.58
C GLY A 93 8.09 4.19 -7.32
N MET A 94 8.59 4.61 -6.16
CA MET A 94 8.63 6.03 -5.81
C MET A 94 10.00 6.45 -5.26
N THR A 95 10.40 7.70 -5.53
CA THR A 95 11.67 8.20 -5.04
C THR A 95 11.46 8.72 -3.62
N LYS A 96 12.53 9.07 -2.93
CA LYS A 96 12.39 9.58 -1.58
C LYS A 96 11.54 10.86 -1.55
N ALA A 97 11.71 11.70 -2.57
CA ALA A 97 10.98 12.97 -2.69
C ALA A 97 9.50 12.72 -2.76
N GLU A 98 9.14 11.82 -3.66
CA GLU A 98 7.75 11.43 -3.89
C GLU A 98 7.13 10.74 -2.70
N LEU A 99 7.94 10.07 -1.90
CA LEU A 99 7.39 9.41 -0.74
C LEU A 99 7.02 10.49 0.26
N ILE A 100 7.95 11.41 0.49
CA ILE A 100 7.73 12.51 1.43
C ILE A 100 6.63 13.43 0.94
N ASN A 101 6.65 13.70 -0.36
CA ASN A 101 5.70 14.58 -1.03
C ASN A 101 4.27 14.04 -1.11
N ASN A 102 4.13 12.89 -1.75
CA ASN A 102 2.84 12.24 -1.99
C ASN A 102 2.28 11.38 -0.89
N LEU A 103 3.11 11.04 0.09
CA LEU A 103 2.62 10.20 1.16
C LEU A 103 2.58 10.92 2.49
N GLY A 104 2.03 12.13 2.52
CA GLY A 104 1.94 12.81 3.79
C GLY A 104 1.99 14.33 3.93
N THR A 105 3.07 14.96 3.49
CA THR A 105 3.20 16.40 3.68
C THR A 105 2.37 17.36 2.83
N ILE A 106 2.03 16.96 1.61
CA ILE A 106 1.24 17.81 0.73
C ILE A 106 -0.27 17.51 0.82
N ALA A 107 -1.08 18.56 0.94
CA ALA A 107 -2.53 18.40 1.01
C ALA A 107 -3.04 17.63 -0.21
N LYS A 108 -4.00 16.73 0.02
CA LYS A 108 -4.57 15.92 -1.05
C LYS A 108 -5.99 16.38 -1.38
N SER A 109 -6.28 16.46 -2.68
CA SER A 109 -7.58 16.92 -3.17
C SER A 109 -8.84 16.36 -2.51
N GLY A 110 -8.99 15.04 -2.47
CA GLY A 110 -10.20 14.45 -1.91
C GLY A 110 -10.30 14.15 -0.43
N THR A 111 -9.23 14.40 0.32
CA THR A 111 -9.23 14.11 1.76
C THR A 111 -10.40 14.68 2.55
N LYS A 112 -10.60 15.99 2.45
CA LYS A 112 -11.66 16.65 3.20
C LYS A 112 -13.07 16.23 2.70
N ALA A 113 -13.20 16.09 1.40
CA ALA A 113 -14.46 15.70 0.79
C ALA A 113 -14.92 14.33 1.22
N PHE A 114 -14.01 13.36 1.20
CA PHE A 114 -14.38 12.00 1.59
C PHE A 114 -14.89 11.95 3.01
N MET A 115 -14.16 12.62 3.90
CA MET A 115 -14.54 12.66 5.31
C MET A 115 -15.94 13.21 5.46
N GLU A 116 -16.24 14.30 4.78
CA GLU A 116 -17.56 14.90 4.85
C GLU A 116 -18.58 13.90 4.27
N ALA A 117 -18.23 13.28 3.15
CA ALA A 117 -19.11 12.29 2.54
C ALA A 117 -19.32 11.16 3.54
N LEU A 118 -18.23 10.71 4.15
CA LEU A 118 -18.29 9.64 5.13
C LEU A 118 -19.24 10.06 6.25
N SER A 119 -19.18 11.33 6.62
CA SER A 119 -20.02 11.85 7.68
C SER A 119 -21.49 11.88 7.28
N ALA A 120 -21.75 12.29 6.04
CA ALA A 120 -23.11 12.38 5.52
C ALA A 120 -23.71 10.97 5.37
N GLY A 121 -22.91 9.95 5.63
CA GLY A 121 -23.39 8.57 5.54
C GLY A 121 -22.80 7.77 4.40
N ALA A 122 -21.79 8.31 3.72
CA ALA A 122 -21.18 7.61 2.61
C ALA A 122 -20.58 6.30 3.04
N ASP A 123 -20.35 5.44 2.07
CA ASP A 123 -19.75 4.13 2.30
C ASP A 123 -18.21 4.27 2.30
N VAL A 124 -17.53 3.64 3.26
CA VAL A 124 -16.07 3.75 3.31
C VAL A 124 -15.39 3.21 2.05
N SER A 125 -16.05 2.32 1.32
CA SER A 125 -15.45 1.76 0.11
C SER A 125 -15.40 2.78 -1.04
N MET A 126 -15.93 3.98 -0.82
CA MET A 126 -15.92 5.02 -1.84
C MET A 126 -14.56 5.71 -1.82
N ILE A 127 -13.88 5.56 -0.69
CA ILE A 127 -12.57 6.16 -0.47
C ILE A 127 -11.71 6.21 -1.71
N GLY A 128 -11.66 5.11 -2.46
CA GLY A 128 -10.85 5.07 -3.66
C GLY A 128 -11.34 6.05 -4.70
N GLN A 129 -12.61 6.38 -4.64
CA GLN A 129 -13.18 7.32 -5.60
C GLN A 129 -12.82 8.75 -5.26
N PHE A 130 -12.33 8.97 -4.04
CA PHE A 130 -11.95 10.31 -3.62
C PHE A 130 -10.44 10.49 -3.74
N GLY A 131 -9.77 9.44 -4.21
CA GLY A 131 -8.32 9.50 -4.40
C GLY A 131 -7.45 9.33 -3.17
N VAL A 132 -8.01 8.81 -2.08
CA VAL A 132 -7.23 8.62 -0.87
C VAL A 132 -7.32 7.19 -0.33
N GLY A 133 -7.53 6.25 -1.23
CA GLY A 133 -7.68 4.84 -0.88
C GLY A 133 -6.53 4.15 -0.17
N PHE A 134 -5.32 4.69 -0.29
CA PHE A 134 -4.16 4.10 0.35
C PHE A 134 -4.39 4.00 1.86
N TYR A 135 -4.97 5.02 2.46
CA TYR A 135 -5.20 5.03 3.90
C TYR A 135 -6.26 4.03 4.38
N SER A 136 -6.88 3.31 3.45
CA SER A 136 -7.89 2.32 3.81
C SER A 136 -7.20 1.19 4.53
N LEU A 137 -5.90 1.03 4.25
CA LEU A 137 -5.10 -0.01 4.86
C LEU A 137 -5.18 0.12 6.38
N PHE A 138 -5.43 1.32 6.88
CA PHE A 138 -5.51 1.51 8.33
C PHE A 138 -6.77 0.90 8.93
N LEU A 139 -7.54 0.18 8.13
CA LEU A 139 -8.74 -0.48 8.61
C LEU A 139 -8.34 -1.79 9.31
N VAL A 140 -7.38 -2.50 8.72
CA VAL A 140 -6.91 -3.78 9.26
C VAL A 140 -5.55 -3.72 9.92
N ALA A 141 -4.81 -2.62 9.70
CA ALA A 141 -3.48 -2.45 10.28
C ALA A 141 -3.35 -1.18 11.09
N ASP A 142 -2.45 -1.20 12.07
CA ASP A 142 -2.20 -0.06 12.94
C ASP A 142 -0.77 0.47 12.78
N ARG A 143 -0.07 -0.04 11.77
CA ARG A 143 1.32 0.36 11.46
C ARG A 143 1.70 -0.12 10.06
N VAL A 144 2.38 0.72 9.28
CA VAL A 144 2.74 0.32 7.92
C VAL A 144 4.08 0.85 7.46
N GLN A 145 4.71 0.10 6.57
CA GLN A 145 6.00 0.49 5.99
C GLN A 145 5.85 0.39 4.48
N VAL A 146 6.25 1.46 3.80
CA VAL A 146 6.17 1.49 2.35
C VAL A 146 7.61 1.44 1.88
N ILE A 147 8.06 0.25 1.50
CA ILE A 147 9.42 0.06 1.01
C ILE A 147 9.31 0.22 -0.49
N SER A 148 10.02 1.17 -1.06
CA SER A 148 9.92 1.39 -2.49
C SER A 148 11.25 1.65 -3.14
N LYS A 149 11.36 1.27 -4.42
CA LYS A 149 12.57 1.47 -5.19
C LYS A 149 12.22 1.86 -6.61
N SER A 150 12.54 3.09 -6.98
CA SER A 150 12.27 3.60 -8.31
C SER A 150 13.58 3.62 -9.11
N ASN A 151 13.49 3.44 -10.43
CA ASN A 151 14.69 3.45 -11.25
C ASN A 151 15.43 4.76 -11.09
N ASP A 152 14.73 5.80 -10.66
CA ASP A 152 15.33 7.12 -10.50
C ASP A 152 15.87 7.43 -9.11
N ASP A 153 15.97 6.43 -8.24
CA ASP A 153 16.48 6.66 -6.90
C ASP A 153 16.80 5.37 -6.21
N GLU A 154 17.17 5.46 -4.94
CA GLU A 154 17.50 4.30 -4.13
C GLU A 154 16.31 3.81 -3.34
N GLN A 155 16.47 2.65 -2.69
CA GLN A 155 15.41 2.07 -1.89
C GLN A 155 15.26 2.76 -0.55
N TYR A 156 14.03 3.12 -0.23
CA TYR A 156 13.74 3.81 1.03
C TYR A 156 12.57 3.16 1.74
N ILE A 157 12.49 3.40 3.04
CA ILE A 157 11.41 2.89 3.85
C ILE A 157 10.65 4.08 4.42
N TRP A 158 9.34 4.14 4.13
CA TRP A 158 8.47 5.19 4.61
C TRP A 158 7.64 4.44 5.66
N GLU A 159 7.57 4.96 6.87
CA GLU A 159 6.82 4.25 7.91
C GLU A 159 5.85 5.14 8.69
N SER A 160 4.75 4.55 9.12
CA SER A 160 3.74 5.28 9.87
C SER A 160 2.92 4.40 10.80
N ASN A 161 2.45 4.99 11.89
CA ASN A 161 1.62 4.31 12.88
C ASN A 161 0.36 5.15 13.07
N ALA A 162 0.03 5.95 12.07
CA ALA A 162 -1.15 6.82 12.06
C ALA A 162 -1.06 8.02 12.99
N GLY A 163 0.14 8.33 13.46
CA GLY A 163 0.31 9.47 14.34
C GLY A 163 0.23 10.75 13.52
N GLY A 164 0.98 11.77 13.90
CA GLY A 164 0.97 13.01 13.17
C GLY A 164 2.23 13.19 12.35
N SER A 165 3.18 12.27 12.49
CA SER A 165 4.43 12.37 11.75
C SER A 165 4.82 11.03 11.16
N PHE A 166 5.61 11.06 10.08
CA PHE A 166 6.07 9.83 9.45
C PHE A 166 7.56 9.93 9.16
N THR A 167 8.21 8.78 9.07
CA THR A 167 9.65 8.75 8.82
C THR A 167 10.03 8.12 7.50
N VAL A 168 11.11 8.63 6.90
CA VAL A 168 11.63 8.11 5.64
C VAL A 168 13.09 7.75 5.91
N THR A 169 13.46 6.49 5.63
CA THR A 169 14.84 6.03 5.85
C THR A 169 15.41 5.29 4.65
N LEU A 170 16.69 5.52 4.38
CA LEU A 170 17.36 4.84 3.28
C LEU A 170 17.31 3.38 3.69
N ASP A 171 16.92 2.51 2.77
CA ASP A 171 16.79 1.08 3.07
C ASP A 171 18.08 0.28 3.10
N GLU A 172 18.35 -0.31 4.27
CA GLU A 172 19.55 -1.11 4.48
C GLU A 172 19.21 -2.38 5.28
N VAL A 173 17.92 -2.63 5.45
CA VAL A 173 17.50 -3.78 6.23
C VAL A 173 16.58 -4.75 5.52
N ASN A 174 16.08 -4.38 4.34
CA ASN A 174 15.16 -5.25 3.58
C ASN A 174 15.77 -5.82 2.32
N GLU A 175 15.13 -6.88 1.82
CA GLU A 175 15.57 -7.52 0.59
C GLU A 175 15.58 -6.44 -0.45
N ARG A 176 16.34 -6.65 -1.50
CA ARG A 176 16.42 -5.69 -2.59
C ARG A 176 15.36 -5.98 -3.63
N ILE A 177 14.48 -5.02 -3.87
CA ILE A 177 13.47 -5.22 -4.89
C ILE A 177 14.01 -4.53 -6.16
N GLY A 178 13.98 -5.22 -7.30
CA GLY A 178 14.50 -4.65 -8.52
C GLY A 178 13.90 -3.29 -8.79
N ARG A 179 12.58 -3.22 -8.68
CA ARG A 179 11.86 -1.98 -8.90
C ARG A 179 10.46 -2.24 -8.40
N GLY A 180 9.87 -1.26 -7.75
CA GLY A 180 8.52 -1.46 -7.27
C GLY A 180 8.34 -1.00 -5.85
N THR A 181 7.25 -1.44 -5.24
CA THR A 181 6.92 -1.08 -3.88
C THR A 181 6.44 -2.29 -3.11
N ILE A 182 6.61 -2.24 -1.80
CA ILE A 182 6.14 -3.30 -0.94
C ILE A 182 5.34 -2.60 0.15
N LEU A 183 4.11 -3.04 0.34
CA LEU A 183 3.30 -2.45 1.38
C LEU A 183 3.26 -3.46 2.49
N ARG A 184 4.08 -3.22 3.52
CA ARG A 184 4.17 -4.12 4.66
C ARG A 184 3.19 -3.67 5.74
N LEU A 185 2.07 -4.40 5.83
CA LEU A 185 1.03 -4.10 6.81
C LEU A 185 1.11 -4.93 8.07
N PHE A 186 1.35 -4.27 9.20
CA PHE A 186 1.40 -4.95 10.49
C PHE A 186 -0.05 -5.00 10.93
N LEU A 187 -0.72 -6.11 10.61
CA LEU A 187 -2.14 -6.30 10.93
C LEU A 187 -2.56 -6.21 12.40
N LYS A 188 -3.79 -5.75 12.62
CA LYS A 188 -4.35 -5.60 13.96
C LYS A 188 -4.54 -7.00 14.55
N ASP A 189 -4.59 -7.09 15.87
CA ASP A 189 -4.76 -8.37 16.56
C ASP A 189 -6.05 -9.10 16.19
N ASP A 190 -7.02 -8.37 15.64
CA ASP A 190 -8.28 -9.01 15.27
C ASP A 190 -8.48 -9.07 13.76
N GLN A 191 -7.42 -8.78 13.01
CA GLN A 191 -7.49 -8.81 11.54
C GLN A 191 -6.52 -9.85 10.96
N LEU A 192 -6.15 -10.82 11.79
CA LEU A 192 -5.20 -11.85 11.38
C LEU A 192 -5.78 -12.78 10.33
N GLU A 193 -7.07 -12.62 10.05
CA GLU A 193 -7.73 -13.47 9.08
C GLU A 193 -7.20 -13.22 7.68
N TYR A 194 -6.45 -12.15 7.51
CA TYR A 194 -5.91 -11.82 6.20
C TYR A 194 -4.54 -12.44 5.98
N LEU A 195 -4.14 -13.30 6.92
CA LEU A 195 -2.88 -14.02 6.84
C LEU A 195 -3.19 -15.39 6.29
N GLU A 196 -4.48 -15.74 6.30
CA GLU A 196 -4.97 -17.03 5.82
C GLU A 196 -5.21 -17.08 4.32
N GLU A 197 -4.59 -18.05 3.66
CA GLU A 197 -4.71 -18.22 2.20
C GLU A 197 -6.13 -18.19 1.66
N LYS A 198 -7.03 -18.89 2.33
CA LYS A 198 -8.43 -18.97 1.92
C LYS A 198 -9.10 -17.61 1.92
N ARG A 199 -9.01 -16.92 3.05
CA ARG A 199 -9.59 -15.58 3.18
C ARG A 199 -9.07 -14.67 2.08
N ILE A 200 -7.75 -14.59 1.95
CA ILE A 200 -7.10 -13.76 0.94
C ILE A 200 -7.61 -14.05 -0.46
N LYS A 201 -7.58 -15.31 -0.84
CA LYS A 201 -8.05 -15.75 -2.16
C LYS A 201 -9.50 -15.34 -2.34
N GLU A 202 -10.25 -15.48 -1.26
CA GLU A 202 -11.67 -15.15 -1.24
C GLU A 202 -11.92 -13.70 -1.64
N VAL A 203 -11.33 -12.77 -0.88
CA VAL A 203 -11.53 -11.34 -1.16
C VAL A 203 -10.90 -10.83 -2.46
N ILE A 204 -9.89 -11.52 -2.98
CA ILE A 204 -9.27 -11.09 -4.23
C ILE A 204 -10.23 -11.37 -5.36
N LYS A 205 -10.93 -12.49 -5.27
CA LYS A 205 -11.87 -12.89 -6.29
C LYS A 205 -13.13 -12.04 -6.24
N ARG A 206 -13.54 -11.67 -5.02
CA ARG A 206 -14.73 -10.86 -4.81
C ARG A 206 -14.66 -9.49 -5.46
N HIS A 207 -13.58 -8.75 -5.20
CA HIS A 207 -13.45 -7.39 -5.75
C HIS A 207 -12.29 -7.11 -6.69
N SER A 208 -11.58 -8.12 -7.16
CA SER A 208 -10.47 -7.83 -8.06
C SER A 208 -10.43 -8.74 -9.27
N GLU A 209 -11.57 -8.84 -9.97
CA GLU A 209 -11.67 -9.70 -11.15
C GLU A 209 -10.99 -9.15 -12.39
N PHE A 210 -10.95 -7.83 -12.54
CA PHE A 210 -10.36 -7.24 -13.72
C PHE A 210 -9.01 -6.58 -13.54
N VAL A 211 -8.05 -7.36 -13.05
CA VAL A 211 -6.69 -6.88 -12.84
C VAL A 211 -5.93 -7.43 -14.04
N ALA A 212 -5.12 -6.58 -14.70
CA ALA A 212 -4.39 -7.00 -15.89
C ALA A 212 -3.07 -7.71 -15.64
N TYR A 213 -2.62 -7.75 -14.39
CA TYR A 213 -1.35 -8.38 -14.07
C TYR A 213 -1.56 -9.60 -13.20
N PRO A 214 -0.67 -10.61 -13.33
CA PRO A 214 -0.85 -11.81 -12.52
C PRO A 214 -0.78 -11.50 -11.04
N ILE A 215 -1.74 -11.99 -10.27
CA ILE A 215 -1.70 -11.76 -8.85
C ILE A 215 -1.20 -13.06 -8.25
N GLN A 216 -0.03 -13.00 -7.61
CA GLN A 216 0.56 -14.17 -7.01
C GLN A 216 0.42 -14.18 -5.49
N LEU A 217 0.07 -15.34 -4.95
CA LEU A 217 -0.06 -15.50 -3.51
C LEU A 217 1.07 -16.44 -3.07
N VAL A 218 1.82 -16.06 -2.05
CA VAL A 218 2.94 -16.87 -1.57
C VAL A 218 2.54 -17.62 -0.31
N VAL A 219 2.35 -18.93 -0.42
CA VAL A 219 1.97 -19.71 0.76
C VAL A 219 3.12 -20.56 1.28
N THR A 220 3.24 -20.62 2.60
CA THR A 220 4.27 -21.40 3.25
C THR A 220 3.64 -22.65 3.84
N LYS A 221 4.18 -23.82 3.51
CA LYS A 221 3.62 -25.06 4.03
C LYS A 221 4.68 -26.06 4.48
N GLU A 222 4.35 -26.77 5.56
CA GLU A 222 5.23 -27.79 6.12
C GLU A 222 5.18 -29.04 5.28
N VAL A 223 6.33 -29.56 4.90
CA VAL A 223 6.38 -30.77 4.10
C VAL A 223 5.94 -31.93 4.98
N GLU A 224 4.86 -32.58 4.57
CA GLU A 224 4.28 -33.71 5.29
C GLU A 224 5.27 -34.80 5.65
O1 GDM B . -4.15 6.98 -1.61
O2 GDM B . 1.78 3.52 -2.67
O3 GDM B . 1.17 2.47 -5.18
O4 GDM B . 3.26 2.26 -5.85
O5 GDM B . 2.12 7.66 -9.75
O6 GDM B . 3.28 9.40 -7.45
O7 GDM B . -2.72 7.52 -9.67
O8 GDM B . -3.18 4.86 -8.21
O9 GDM B . -3.21 9.23 -5.20
N1 GDM B . -4.29 7.08 -3.94
N2 GDM B . 2.25 0.47 -5.31
C1 GDM B . -3.60 7.25 -2.69
C2 GDM B . -2.15 7.80 -2.45
C3 GDM B . -1.19 6.92 -2.90
C4 GDM B . 0.29 6.87 -2.75
C5 GDM B . 1.05 5.74 -2.97
C6 GDM B . 0.79 4.28 -3.38
C7 GDM B . 1.29 3.87 -4.78
C8 GDM B . 0.92 4.65 -6.04
C9 GDM B . 1.88 5.16 -6.83
C10 GDM B . 2.01 5.95 -8.11
C11 GDM B . 2.62 7.34 -8.43
C12 GDM B . 2.19 8.50 -7.50
C13 GDM B . 0.97 9.33 -7.91
C14 GDM B . -0.11 9.29 -6.81
C15 GDM B . -1.55 9.39 -7.46
C16 GDM B . -2.54 8.25 -7.28
C17 GDM B . -2.84 7.28 -8.22
C18 GDM B . -3.31 5.90 -7.59
C19 GDM B . -3.94 5.90 -6.22
C20 GDM B . -3.91 7.00 -5.44
C21 GDM B . -3.22 8.24 -5.92
C22 GDM B . -1.86 9.07 -1.53
C23 GDM B . 1.56 3.28 -1.29
C24 GDM B . 2.26 1.79 -5.39
C25 GDM B . -0.46 4.21 -6.34
C26 GDM B . 2.87 4.93 -8.84
C27 GDM B . 4.01 9.48 -6.24
C28 GDM B . 0.32 10.05 -5.49
C29 GDM B . -3.71 7.47 -10.81
#